data_7N6N
#
_entry.id   7N6N
#
_cell.length_a   58.624
_cell.length_b   79.331
_cell.length_c   62.805
_cell.angle_alpha   90.000
_cell.angle_beta   106.470
_cell.angle_gamma   90.000
#
_symmetry.space_group_name_H-M   'P 1 21 1'
#
loop_
_entity.id
_entity.type
_entity.pdbx_description
1 polymer '3C-like proteinase'
2 polymer '3C-like proteinase'
#
loop_
_entity_poly.entity_id
_entity_poly.type
_entity_poly.pdbx_seq_one_letter_code
_entity_poly.pdbx_strand_id
1 'polypeptide(L)'
;GAMSAVLQSGFRKMAFPSGKVEGCMVQVTCGTTTLNGLWLDDVVYCPRHVICTSEDMLNPNYEDLLIRKSNHNFLVQAGN
VQLRVIGHSMQNCVLKLKVDTANPKTPKYKFVRIQPGQTFSVLACYNGSPSGVYQCAMRPNFTIKGSFLNGSSGSVGFNI
DYDCVSFCYMHHMELPTGVHAGTDLEGNFYGPFVDRQTAQAAGTDTTITVNVLAWLYAAVINGDRWFLNRFTTTLNDFNL
VAMKYNYEPLTQDHVDILGPLSAQTGIAVLDMCASLKELLQNGMNGRTILGSALLEDEFTPFDVVRQCSGVTFQ
;
A,B
2 'polypeptide(L)' GAMSAVLQ C
#
# COMPACT_ATOMS: atom_id res chain seq x y z
N SER A 9 -17.38 3.05 -0.94
CA SER A 9 -16.93 2.51 0.32
C SER A 9 -15.82 1.48 0.13
N GLY A 10 -15.48 0.76 1.20
CA GLY A 10 -14.33 -0.13 1.18
C GLY A 10 -13.15 0.53 1.87
N PHE A 11 -12.42 -0.23 2.68
CA PHE A 11 -11.39 0.35 3.54
C PHE A 11 -10.13 -0.48 3.43
N ARG A 12 -9.06 0.13 2.92
CA ARG A 12 -7.85 -0.60 2.61
C ARG A 12 -6.67 0.06 3.31
N LYS A 13 -5.57 -0.67 3.36
CA LYS A 13 -4.31 -0.14 3.90
C LYS A 13 -3.70 0.79 2.85
N MET A 14 -3.95 2.10 2.99
CA MET A 14 -3.71 3.07 1.94
C MET A 14 -2.54 3.98 2.30
N ALA A 15 -1.60 4.11 1.37
CA ALA A 15 -0.39 4.91 1.56
C ALA A 15 -0.54 6.27 0.90
N PHE A 16 0.28 7.22 1.36
CA PHE A 16 0.28 8.55 0.77
C PHE A 16 0.78 8.49 -0.68
N PRO A 17 0.38 9.44 -1.51
CA PRO A 17 1.05 9.60 -2.81
C PRO A 17 2.53 9.87 -2.62
N SER A 18 3.35 9.14 -3.36
CA SER A 18 4.80 9.17 -3.17
C SER A 18 5.52 10.13 -4.11
N GLY A 19 4.78 10.85 -4.96
CA GLY A 19 5.42 11.63 -6.00
C GLY A 19 6.41 12.66 -5.47
N LYS A 20 6.07 13.30 -4.35
CA LYS A 20 6.94 14.34 -3.81
C LYS A 20 8.24 13.78 -3.29
N VAL A 21 8.22 12.56 -2.72
CA VAL A 21 9.44 11.96 -2.20
C VAL A 21 10.26 11.30 -3.29
N GLU A 22 9.61 10.73 -4.32
CA GLU A 22 10.32 10.02 -5.37
C GLU A 22 11.35 10.91 -6.05
N GLY A 23 11.08 12.20 -6.18
CA GLY A 23 12.03 13.11 -6.77
C GLY A 23 13.27 13.37 -5.94
N CYS A 24 13.30 12.89 -4.70
CA CYS A 24 14.42 13.12 -3.80
C CYS A 24 15.31 11.90 -3.61
N MET A 25 14.96 10.76 -4.20
CA MET A 25 15.74 9.55 -3.98
C MET A 25 16.93 9.49 -4.94
N VAL A 26 18.12 9.31 -4.37
CA VAL A 26 19.35 9.23 -5.13
C VAL A 26 20.11 7.98 -4.71
N GLN A 27 20.99 7.52 -5.60
CA GLN A 27 21.86 6.40 -5.31
C GLN A 27 23.14 6.92 -4.67
N VAL A 28 23.55 6.30 -3.57
CA VAL A 28 24.80 6.63 -2.89
C VAL A 28 25.66 5.37 -2.86
N THR A 29 26.85 5.46 -3.45
CA THR A 29 27.77 4.34 -3.52
C THR A 29 29.10 4.75 -2.92
N CYS A 30 29.58 3.96 -1.96
CA CYS A 30 30.87 4.19 -1.31
C CYS A 30 31.64 2.88 -1.35
N GLY A 31 32.71 2.85 -2.14
CA GLY A 31 33.37 1.58 -2.40
C GLY A 31 32.45 0.69 -3.22
N THR A 32 32.20 -0.52 -2.72
CA THR A 32 31.28 -1.44 -3.36
C THR A 32 29.89 -1.43 -2.75
N THR A 33 29.69 -0.67 -1.67
CA THR A 33 28.39 -0.60 -1.02
C THR A 33 27.50 0.41 -1.73
N THR A 34 26.29 -0.02 -2.09
CA THR A 34 25.35 0.82 -2.83
C THR A 34 24.01 0.80 -2.10
N LEU A 35 23.60 1.95 -1.59
CA LEU A 35 22.32 2.10 -0.90
C LEU A 35 21.82 3.52 -1.13
N ASN A 36 20.59 3.78 -0.68
CA ASN A 36 19.83 4.94 -1.09
C ASN A 36 20.14 6.18 -0.26
N GLY A 37 19.97 7.34 -0.89
CA GLY A 37 20.11 8.60 -0.20
C GLY A 37 18.91 9.50 -0.47
N LEU A 38 18.68 10.42 0.47
CA LEU A 38 17.58 11.38 0.39
C LEU A 38 18.18 12.74 0.04
N TRP A 39 17.81 13.26 -1.14
CA TRP A 39 18.39 14.49 -1.67
C TRP A 39 17.41 15.64 -1.48
N LEU A 40 17.70 16.49 -0.50
CA LEU A 40 16.88 17.66 -0.19
C LEU A 40 17.76 18.90 -0.25
N ASP A 41 17.45 19.80 -1.17
CA ASP A 41 18.26 21.00 -1.43
C ASP A 41 19.67 20.52 -1.77
N ASP A 42 20.70 20.96 -1.04
CA ASP A 42 22.08 20.62 -1.36
C ASP A 42 22.69 19.68 -0.32
N VAL A 43 21.86 18.88 0.36
CA VAL A 43 22.33 17.94 1.37
C VAL A 43 21.73 16.57 1.07
N VAL A 44 22.54 15.53 1.22
CA VAL A 44 22.12 14.15 0.99
C VAL A 44 22.25 13.38 2.30
N TYR A 45 21.16 12.74 2.71
CA TYR A 45 21.10 11.96 3.93
C TYR A 45 21.09 10.49 3.59
N CYS A 46 21.89 9.70 4.29
CA CYS A 46 21.99 8.28 4.02
C CYS A 46 22.51 7.58 5.27
N PRO A 47 22.23 6.28 5.42
CA PRO A 47 22.80 5.54 6.55
C PRO A 47 24.32 5.62 6.55
N ARG A 48 24.89 5.70 7.75
CA ARG A 48 26.32 5.87 7.89
C ARG A 48 27.10 4.60 7.58
N HIS A 49 26.43 3.45 7.42
CA HIS A 49 27.12 2.22 7.08
C HIS A 49 27.29 2.02 5.58
N VAL A 50 27.14 3.10 4.79
CA VAL A 50 27.54 3.03 3.39
C VAL A 50 29.05 2.92 3.27
N ILE A 51 29.79 3.34 4.29
CA ILE A 51 31.25 3.31 4.28
C ILE A 51 31.82 1.97 4.70
N CYS A 52 30.99 1.04 5.16
CA CYS A 52 31.45 -0.25 5.65
C CYS A 52 31.65 -1.25 4.51
N THR A 53 32.66 -2.10 4.67
CA THR A 53 32.87 -3.23 3.78
C THR A 53 32.10 -4.43 4.34
N SER A 54 32.29 -5.60 3.72
CA SER A 54 31.64 -6.81 4.23
C SER A 54 32.24 -7.25 5.56
N GLU A 55 33.50 -6.90 5.81
CA GLU A 55 34.24 -7.49 6.93
C GLU A 55 33.96 -6.78 8.24
N ASP A 56 33.84 -5.45 8.22
CA ASP A 56 33.80 -4.66 9.45
C ASP A 56 32.40 -4.12 9.69
N MET A 57 31.48 -5.02 10.06
CA MET A 57 30.21 -4.57 10.62
C MET A 57 29.57 -5.59 11.55
N LEU A 58 30.35 -6.54 12.08
CA LEU A 58 29.97 -7.17 13.33
C LEU A 58 30.17 -6.21 14.49
N ASN A 59 31.11 -5.26 14.34
CA ASN A 59 31.38 -4.18 15.27
C ASN A 59 32.20 -3.12 14.56
N PRO A 60 31.57 -2.17 13.88
CA PRO A 60 32.29 -1.30 12.95
C PRO A 60 32.85 -0.05 13.59
N ASN A 61 33.92 0.45 12.98
CA ASN A 61 34.62 1.62 13.49
C ASN A 61 34.08 2.77 12.64
N TYR A 62 33.14 3.57 13.13
CA TYR A 62 32.48 4.44 12.16
C TYR A 62 33.22 5.73 11.84
N GLU A 63 34.04 6.20 12.77
CA GLU A 63 34.84 7.41 12.61
C GLU A 63 36.24 7.15 12.08
N ASP A 64 36.76 5.93 12.11
CA ASP A 64 37.96 5.70 11.31
C ASP A 64 37.61 5.46 9.85
N LEU A 65 36.56 4.66 9.59
CA LEU A 65 36.15 4.44 8.20
C LEU A 65 35.71 5.73 7.54
N LEU A 66 35.22 6.69 8.33
CA LEU A 66 34.88 7.99 7.77
C LEU A 66 36.12 8.81 7.45
N ILE A 67 37.20 8.64 8.21
CA ILE A 67 38.41 9.44 7.96
C ILE A 67 38.99 9.12 6.58
N ARG A 68 39.12 7.83 6.27
CA ARG A 68 39.75 7.42 5.02
C ARG A 68 38.90 7.72 3.80
N LYS A 69 37.61 8.05 3.98
CA LYS A 69 36.76 8.46 2.88
C LYS A 69 36.82 9.98 2.73
N SER A 70 37.04 10.44 1.50
CA SER A 70 36.95 11.84 1.15
C SER A 70 35.69 12.06 0.31
N ASN A 71 35.50 13.30 -0.12
CA ASN A 71 34.31 13.64 -0.92
C ASN A 71 34.23 12.77 -2.17
N HIS A 72 35.37 12.49 -2.80
CA HIS A 72 35.36 11.76 -4.06
C HIS A 72 35.09 10.27 -3.89
N ASN A 73 35.20 9.74 -2.67
CA ASN A 73 34.85 8.34 -2.44
C ASN A 73 33.35 8.09 -2.51
N PHE A 74 32.53 9.14 -2.50
CA PHE A 74 31.07 9.00 -2.47
C PHE A 74 30.50 9.29 -3.85
N LEU A 75 30.00 8.25 -4.51
CA LEU A 75 29.10 8.41 -5.66
C LEU A 75 27.68 8.68 -5.20
N VAL A 76 27.27 9.94 -5.30
CA VAL A 76 25.88 10.33 -5.24
C VAL A 76 25.41 10.51 -6.68
N GLN A 77 24.36 9.78 -7.06
CA GLN A 77 23.91 9.73 -8.46
C GLN A 77 22.41 9.84 -8.52
N ALA A 78 21.91 10.87 -9.19
CA ALA A 78 20.48 11.08 -9.37
C ALA A 78 20.13 10.71 -10.81
N GLY A 79 19.63 9.49 -10.99
CA GLY A 79 19.30 9.00 -12.32
C GLY A 79 20.51 8.93 -13.23
N ASN A 80 20.57 9.82 -14.21
CA ASN A 80 21.66 9.86 -15.18
C ASN A 80 22.76 10.85 -14.81
N VAL A 81 22.59 11.64 -13.75
CA VAL A 81 23.53 12.69 -13.42
C VAL A 81 24.26 12.32 -12.14
N GLN A 82 25.54 12.67 -12.07
CA GLN A 82 26.30 12.54 -10.84
C GLN A 82 26.30 13.86 -10.10
N LEU A 83 26.22 13.78 -8.77
CA LEU A 83 26.23 14.96 -7.90
C LEU A 83 27.59 15.07 -7.22
N ARG A 84 28.18 16.25 -7.30
CA ARG A 84 29.49 16.50 -6.72
C ARG A 84 29.38 16.68 -5.21
N VAL A 85 29.97 15.75 -4.45
CA VAL A 85 30.04 15.90 -3.00
C VAL A 85 31.12 16.92 -2.67
N ILE A 86 30.73 18.02 -2.04
CA ILE A 86 31.67 19.07 -1.65
C ILE A 86 31.94 19.08 -0.16
N GLY A 87 31.31 18.20 0.61
CA GLY A 87 31.54 18.12 2.03
C GLY A 87 30.72 17.02 2.68
N HIS A 88 31.26 16.39 3.70
CA HIS A 88 30.56 15.31 4.39
C HIS A 88 30.79 15.42 5.88
N SER A 89 29.71 15.41 6.65
CA SER A 89 29.75 15.31 8.10
C SER A 89 28.87 14.14 8.52
N MET A 90 29.15 13.61 9.71
CA MET A 90 28.39 12.49 10.25
C MET A 90 27.67 12.94 11.51
N GLN A 91 26.35 13.03 11.42
CA GLN A 91 25.51 13.35 12.57
C GLN A 91 24.85 12.05 13.02
N ASN A 92 25.26 11.56 14.19
CA ASN A 92 24.76 10.31 14.78
C ASN A 92 24.97 9.19 13.75
N CYS A 93 23.91 8.55 13.26
CA CYS A 93 24.00 7.41 12.37
C CYS A 93 23.70 7.76 10.92
N VAL A 94 23.58 9.04 10.59
CA VAL A 94 23.37 9.45 9.21
C VAL A 94 24.56 10.27 8.74
N LEU A 95 24.85 10.18 7.46
CA LEU A 95 25.83 11.02 6.79
C LEU A 95 25.08 12.19 6.17
N LYS A 96 25.60 13.41 6.32
CA LYS A 96 25.08 14.54 5.55
C LYS A 96 26.15 14.91 4.52
N LEU A 97 25.89 14.55 3.27
CA LEU A 97 26.77 14.86 2.15
C LEU A 97 26.28 16.15 1.50
N LYS A 98 27.06 17.22 1.62
CA LYS A 98 26.74 18.45 0.92
C LYS A 98 27.15 18.33 -0.54
N VAL A 99 26.22 18.60 -1.44
CA VAL A 99 26.47 18.55 -2.88
C VAL A 99 26.43 19.97 -3.42
N ASP A 100 27.03 20.14 -4.61
CA ASP A 100 27.14 21.48 -5.19
C ASP A 100 25.83 21.97 -5.79
N THR A 101 24.91 21.08 -6.13
CA THR A 101 23.66 21.43 -6.79
C THR A 101 22.49 21.12 -5.87
N ALA A 102 21.66 22.13 -5.62
CA ALA A 102 20.42 21.90 -4.88
C ALA A 102 19.44 21.12 -5.75
N ASN A 103 18.84 20.08 -5.19
CA ASN A 103 17.78 19.34 -5.84
C ASN A 103 16.72 20.32 -6.34
N PRO A 104 16.35 20.28 -7.61
CA PRO A 104 15.39 21.27 -8.12
C PRO A 104 13.94 20.93 -7.80
N LYS A 105 13.69 19.67 -7.55
CA LYS A 105 12.36 19.10 -7.36
C LYS A 105 12.29 18.52 -5.97
N THR A 106 13.09 19.17 -5.07
CA THR A 106 12.89 19.20 -3.61
C THR A 106 11.54 19.82 -3.24
N PRO A 107 10.78 19.19 -2.36
CA PRO A 107 9.48 19.74 -1.95
C PRO A 107 9.55 20.50 -0.65
N LYS A 108 8.44 21.12 -0.25
CA LYS A 108 8.32 21.66 1.10
C LYS A 108 8.42 20.51 2.09
N TYR A 109 9.44 20.53 2.94
CA TYR A 109 9.73 19.39 3.78
C TYR A 109 10.09 19.83 5.19
N LYS A 110 9.93 18.91 6.14
CA LYS A 110 10.31 19.12 7.51
C LYS A 110 10.69 17.77 8.13
N PHE A 111 11.47 17.83 9.20
CA PHE A 111 11.96 16.63 9.87
C PHE A 111 11.26 16.50 11.21
N VAL A 112 10.65 15.34 11.44
CA VAL A 112 9.89 15.07 12.66
C VAL A 112 10.37 13.74 13.25
N ARG A 113 10.35 13.66 14.57
CA ARG A 113 10.58 12.41 15.30
C ARG A 113 9.24 11.97 15.88
N ILE A 114 8.69 10.88 15.34
CA ILE A 114 7.35 10.46 15.70
C ILE A 114 7.37 9.73 17.04
N GLN A 115 6.20 9.66 17.65
CA GLN A 115 5.97 8.86 18.84
C GLN A 115 5.27 7.56 18.48
N PRO A 116 5.41 6.53 19.31
CA PRO A 116 4.77 5.23 19.00
C PRO A 116 3.27 5.38 18.82
N GLY A 117 2.75 4.75 17.77
CA GLY A 117 1.35 4.82 17.41
C GLY A 117 1.12 5.54 16.09
N GLN A 118 1.98 6.50 15.75
CA GLN A 118 1.81 7.25 14.51
C GLN A 118 2.21 6.40 13.32
N THR A 119 1.48 6.56 12.22
CA THR A 119 1.69 5.78 11.03
C THR A 119 2.26 6.64 9.92
N PHE A 120 3.21 6.07 9.17
CA PHE A 120 3.84 6.76 8.06
C PHE A 120 3.89 5.84 6.85
N SER A 121 4.15 6.43 5.69
CA SER A 121 4.33 5.70 4.45
C SER A 121 5.81 5.51 4.18
N VAL A 122 6.19 4.30 3.78
CA VAL A 122 7.57 3.95 3.49
C VAL A 122 7.74 3.84 1.99
N LEU A 123 8.65 4.64 1.43
CA LEU A 123 9.00 4.55 0.02
C LEU A 123 10.19 3.61 -0.12
N ALA A 124 9.91 2.34 -0.34
CA ALA A 124 10.96 1.32 -0.41
C ALA A 124 11.78 1.50 -1.67
N CYS A 125 13.07 1.79 -1.50
CA CYS A 125 13.97 2.06 -2.62
C CYS A 125 15.13 1.07 -2.63
N TYR A 126 15.66 0.83 -3.83
CA TYR A 126 16.85 0.02 -4.02
C TYR A 126 17.67 0.64 -5.15
N ASN A 127 18.96 0.84 -4.88
CA ASN A 127 19.89 1.43 -5.87
C ASN A 127 19.43 2.82 -6.31
N GLY A 128 18.83 3.57 -5.39
CA GLY A 128 18.40 4.92 -5.66
C GLY A 128 17.08 5.05 -6.39
N SER A 129 16.41 3.94 -6.71
CA SER A 129 15.15 3.98 -7.42
C SER A 129 14.02 3.54 -6.51
N PRO A 130 12.92 4.30 -6.44
CA PRO A 130 11.76 3.85 -5.66
C PRO A 130 11.18 2.57 -6.24
N SER A 131 10.98 1.58 -5.37
CA SER A 131 10.45 0.28 -5.77
C SER A 131 9.01 0.05 -5.32
N GLY A 132 8.64 0.50 -4.14
CA GLY A 132 7.30 0.30 -3.65
C GLY A 132 7.01 1.19 -2.46
N VAL A 133 5.72 1.41 -2.24
CA VAL A 133 5.25 2.26 -1.15
C VAL A 133 4.17 1.52 -0.37
N TYR A 134 4.26 1.57 0.96
CA TYR A 134 3.30 0.91 1.83
C TYR A 134 3.30 1.64 3.17
N GLN A 135 2.25 1.39 3.95
CA GLN A 135 2.06 2.09 5.21
C GLN A 135 2.54 1.24 6.38
N CYS A 136 3.14 1.89 7.36
CA CYS A 136 3.63 1.23 8.56
C CYS A 136 3.22 2.02 9.79
N ALA A 137 3.31 1.37 10.95
CA ALA A 137 3.09 2.03 12.22
C ALA A 137 4.34 1.93 13.08
N MET A 138 4.50 2.93 13.94
CA MET A 138 5.61 2.96 14.88
C MET A 138 5.21 2.20 16.13
N ARG A 139 5.64 0.95 16.22
CA ARG A 139 5.26 0.13 17.36
C ARG A 139 5.88 0.66 18.64
N PRO A 140 5.22 0.45 19.79
CA PRO A 140 5.74 1.00 21.05
C PRO A 140 7.14 0.53 21.43
N ASN A 141 7.61 -0.61 20.92
CA ASN A 141 8.99 -1.01 21.12
C ASN A 141 9.92 -0.42 20.05
N PHE A 142 9.44 0.55 19.28
CA PHE A 142 10.24 1.30 18.33
C PHE A 142 10.75 0.41 17.19
N THR A 143 9.96 -0.59 16.83
CA THR A 143 10.19 -1.37 15.63
C THR A 143 9.04 -1.16 14.67
N ILE A 144 9.24 -1.57 13.42
CA ILE A 144 8.20 -1.50 12.41
C ILE A 144 8.08 -2.88 11.73
N LYS A 145 6.84 -3.43 11.67
CA LYS A 145 6.49 -4.55 10.74
C LYS A 145 6.64 -3.98 9.33
N GLY A 146 7.84 -4.02 8.78
CA GLY A 146 8.06 -3.60 7.41
C GLY A 146 8.34 -4.76 6.47
N SER A 147 8.78 -4.39 5.27
CA SER A 147 9.22 -5.37 4.28
C SER A 147 10.37 -4.74 3.50
N PHE A 148 11.59 -5.04 3.94
CA PHE A 148 12.81 -4.53 3.33
C PHE A 148 13.72 -5.68 2.98
N LEU A 149 14.48 -5.50 1.90
CA LEU A 149 15.53 -6.42 1.52
C LEU A 149 16.88 -5.74 1.70
N ASN A 150 17.95 -6.53 1.57
CA ASN A 150 19.29 -5.94 1.63
C ASN A 150 19.46 -4.95 0.48
N GLY A 151 19.91 -3.74 0.81
CA GLY A 151 19.96 -2.65 -0.14
C GLY A 151 18.86 -1.64 0.03
N SER A 152 17.95 -1.84 0.98
CA SER A 152 16.85 -0.93 1.23
C SER A 152 17.23 0.22 2.16
N SER A 153 18.37 0.14 2.84
CA SER A 153 18.80 1.22 3.71
C SER A 153 18.83 2.54 2.95
N GLY A 154 18.37 3.59 3.61
CA GLY A 154 18.17 4.87 2.98
C GLY A 154 16.73 5.14 2.60
N SER A 155 15.91 4.09 2.43
CA SER A 155 14.48 4.29 2.27
C SER A 155 13.94 5.13 3.42
N VAL A 156 12.98 5.97 3.13
CA VAL A 156 12.45 6.90 4.11
C VAL A 156 10.96 6.67 4.33
N GLY A 157 10.55 6.83 5.58
CA GLY A 157 9.14 6.88 5.94
C GLY A 157 8.71 8.33 6.08
N PHE A 158 7.49 8.63 5.65
CA PHE A 158 7.06 10.00 5.53
C PHE A 158 5.56 10.11 5.70
N ASN A 159 5.13 11.33 6.04
CA ASN A 159 3.73 11.74 6.00
C ASN A 159 3.64 13.00 5.15
N ILE A 160 2.43 13.29 4.68
CA ILE A 160 2.15 14.51 3.95
C ILE A 160 1.19 15.34 4.78
N ASP A 161 1.58 16.57 5.11
CA ASP A 161 0.87 17.37 6.09
C ASP A 161 0.21 18.55 5.38
N TYR A 162 0.82 19.72 5.34
CA TYR A 162 0.23 20.90 4.73
C TYR A 162 0.92 21.20 3.39
N ASP A 163 0.86 20.25 2.47
CA ASP A 163 1.73 20.22 1.28
C ASP A 163 3.20 20.17 1.69
N CYS A 164 3.48 19.86 2.95
CA CYS A 164 4.83 19.75 3.49
C CYS A 164 5.09 18.29 3.83
N VAL A 165 6.15 17.73 3.25
CA VAL A 165 6.48 16.33 3.47
C VAL A 165 7.25 16.20 4.78
N SER A 166 6.66 15.50 5.74
CA SER A 166 7.31 15.25 7.03
C SER A 166 8.11 13.96 6.92
N PHE A 167 9.44 14.09 6.93
CA PHE A 167 10.33 12.93 6.95
C PHE A 167 10.53 12.49 8.39
N CYS A 168 10.20 11.23 8.68
CA CYS A 168 10.18 10.74 10.04
C CYS A 168 10.94 9.45 10.26
N TYR A 169 11.36 8.77 9.21
CA TYR A 169 12.00 7.47 9.36
C TYR A 169 12.96 7.24 8.20
N MET A 170 14.16 6.76 8.52
CA MET A 170 15.11 6.27 7.52
C MET A 170 15.51 4.86 7.94
N HIS A 171 15.39 3.92 7.00
CA HIS A 171 15.62 2.53 7.34
C HIS A 171 17.11 2.21 7.44
N HIS A 172 17.45 1.37 8.42
CA HIS A 172 18.84 1.00 8.64
C HIS A 172 19.06 -0.51 8.67
N MET A 173 18.29 -1.23 9.48
CA MET A 173 18.63 -2.63 9.72
C MET A 173 17.39 -3.46 10.01
N GLU A 174 17.58 -4.77 9.98
CA GLU A 174 16.57 -5.77 10.30
C GLU A 174 16.97 -6.47 11.59
N LEU A 175 16.07 -6.46 12.56
CA LEU A 175 16.29 -7.25 13.77
C LEU A 175 16.08 -8.73 13.46
N PRO A 176 16.69 -9.62 14.24
CA PRO A 176 16.57 -11.06 13.96
C PRO A 176 15.13 -11.58 13.94
N THR A 177 14.19 -10.90 14.59
CA THR A 177 12.85 -11.47 14.71
C THR A 177 12.07 -11.34 13.41
N GLY A 178 12.52 -10.48 12.49
CA GLY A 178 11.79 -10.13 11.30
C GLY A 178 11.37 -8.67 11.25
N VAL A 179 11.32 -7.98 12.39
CA VAL A 179 10.95 -6.57 12.40
C VAL A 179 12.15 -5.71 12.04
N HIS A 180 11.93 -4.40 11.91
CA HIS A 180 12.92 -3.47 11.38
C HIS A 180 13.10 -2.30 12.32
N ALA A 181 14.30 -1.73 12.30
CA ALA A 181 14.66 -0.59 13.11
C ALA A 181 15.30 0.47 12.21
N GLY A 182 15.09 1.74 12.58
CA GLY A 182 15.66 2.83 11.82
C GLY A 182 15.88 4.06 12.67
N THR A 183 16.23 5.16 12.02
CA THR A 183 16.53 6.42 12.70
C THR A 183 15.59 7.51 12.20
N ASP A 184 15.56 8.62 12.93
CA ASP A 184 14.98 9.82 12.37
C ASP A 184 15.99 10.48 11.44
N LEU A 185 15.51 11.47 10.67
CA LEU A 185 16.38 12.10 9.70
C LEU A 185 17.51 12.91 10.33
N GLU A 186 17.62 12.93 11.66
CA GLU A 186 18.76 13.51 12.34
C GLU A 186 19.71 12.47 12.91
N GLY A 187 19.45 11.18 12.66
CA GLY A 187 20.43 10.14 12.89
C GLY A 187 20.31 9.36 14.18
N ASN A 188 19.36 9.70 15.04
CA ASN A 188 19.20 8.98 16.29
C ASN A 188 18.21 7.83 16.10
N PHE A 189 18.63 6.62 16.46
CA PHE A 189 17.76 5.47 16.33
C PHE A 189 16.49 5.65 17.14
N TYR A 190 15.41 5.04 16.66
CA TYR A 190 14.23 4.84 17.48
C TYR A 190 14.42 3.56 18.28
N GLY A 191 14.29 3.67 19.59
CA GLY A 191 14.53 2.55 20.47
C GLY A 191 15.98 2.44 20.88
N PRO A 192 16.31 1.38 21.62
CA PRO A 192 17.70 1.17 22.06
C PRO A 192 18.60 0.56 21.02
N PHE A 193 18.14 0.43 19.79
CA PHE A 193 18.88 -0.29 18.76
C PHE A 193 20.07 0.52 18.26
N VAL A 194 21.10 -0.20 17.81
CA VAL A 194 22.33 0.41 17.32
C VAL A 194 22.72 -0.29 16.02
N ASP A 195 23.27 0.48 15.07
CA ASP A 195 23.54 -0.01 13.72
C ASP A 195 24.74 -0.96 13.75
N ARG A 196 24.47 -2.20 14.12
CA ARG A 196 25.51 -3.23 14.20
C ARG A 196 24.84 -4.59 14.06
N GLN A 197 25.58 -5.54 13.51
CA GLN A 197 25.06 -6.90 13.30
C GLN A 197 25.34 -7.75 14.55
N THR A 198 24.64 -7.41 15.62
CA THR A 198 24.75 -8.12 16.89
C THR A 198 23.39 -8.69 17.27
N ALA A 199 23.35 -9.39 18.40
CA ALA A 199 22.11 -9.89 18.96
C ALA A 199 21.34 -8.73 19.57
N GLN A 200 20.28 -8.29 18.89
CA GLN A 200 19.34 -7.30 19.41
C GLN A 200 17.94 -7.86 19.33
N ALA A 201 17.13 -7.60 20.35
CA ALA A 201 15.79 -8.15 20.44
C ALA A 201 14.79 -7.05 20.73
N ALA A 202 13.63 -7.13 20.07
CA ALA A 202 12.57 -6.16 20.30
C ALA A 202 11.97 -6.34 21.68
N GLY A 203 11.69 -5.21 22.35
CA GLY A 203 11.11 -5.25 23.67
C GLY A 203 9.62 -5.50 23.64
N THR A 204 9.05 -5.66 24.84
CA THR A 204 7.61 -5.80 24.95
C THR A 204 6.94 -4.56 24.38
N ASP A 205 5.91 -4.75 23.56
CA ASP A 205 5.30 -3.63 22.86
C ASP A 205 3.81 -3.84 22.92
N THR A 206 3.05 -2.75 22.84
CA THR A 206 1.65 -2.82 23.16
C THR A 206 0.81 -2.60 21.91
N THR A 207 -0.37 -3.21 21.90
CA THR A 207 -1.32 -2.99 20.81
C THR A 207 -1.92 -1.59 20.95
N ILE A 208 -1.69 -0.74 19.95
CA ILE A 208 -2.08 0.66 19.99
C ILE A 208 -3.60 0.79 20.10
N THR A 209 -4.07 1.12 21.30
CA THR A 209 -5.50 1.09 21.59
C THR A 209 -6.26 2.16 20.81
N VAL A 210 -5.72 3.39 20.77
CA VAL A 210 -6.41 4.47 20.06
C VAL A 210 -6.55 4.16 18.59
N ASN A 211 -5.60 3.40 18.03
CA ASN A 211 -5.67 3.06 16.60
C ASN A 211 -6.68 1.94 16.34
N VAL A 212 -6.86 1.01 17.29
CA VAL A 212 -7.94 0.04 17.16
C VAL A 212 -9.29 0.76 17.18
N LEU A 213 -9.42 1.77 18.05
CA LEU A 213 -10.68 2.48 18.17
C LEU A 213 -10.97 3.29 16.91
N ALA A 214 -9.93 3.88 16.30
CA ALA A 214 -10.11 4.58 15.04
C ALA A 214 -10.53 3.61 13.94
N TRP A 215 -9.96 2.41 13.96
CA TRP A 215 -10.34 1.36 13.01
C TRP A 215 -11.79 0.94 13.20
N LEU A 216 -12.23 0.81 14.45
CA LEU A 216 -13.61 0.44 14.72
C LEU A 216 -14.57 1.48 14.16
N TYR A 217 -14.21 2.76 14.25
CA TYR A 217 -15.06 3.81 13.70
C TYR A 217 -15.14 3.71 12.18
N ALA A 218 -14.03 3.35 11.54
CA ALA A 218 -14.03 3.21 10.08
C ALA A 218 -14.90 2.04 9.64
N ALA A 219 -14.98 0.98 10.45
CA ALA A 219 -15.85 -0.14 10.12
C ALA A 219 -17.32 0.27 10.15
N VAL A 220 -17.71 1.04 11.18
CA VAL A 220 -19.10 1.47 11.29
C VAL A 220 -19.48 2.39 10.14
N ILE A 221 -18.53 3.21 9.67
CA ILE A 221 -18.80 4.05 8.50
C ILE A 221 -19.01 3.18 7.27
N ASN A 222 -18.31 2.04 7.19
CA ASN A 222 -18.41 1.17 6.03
C ASN A 222 -19.54 0.15 6.14
N GLY A 223 -20.22 0.05 7.28
CA GLY A 223 -21.36 -0.84 7.41
C GLY A 223 -21.13 -2.02 8.32
N ASP A 224 -19.89 -2.33 8.68
CA ASP A 224 -19.61 -3.35 9.70
C ASP A 224 -20.00 -2.81 11.07
N ARG A 225 -21.10 -3.32 11.64
CA ARG A 225 -21.52 -2.83 12.95
C ARG A 225 -22.17 -3.92 13.80
N TRP A 226 -21.72 -5.17 13.65
CA TRP A 226 -22.23 -6.25 14.48
C TRP A 226 -21.67 -6.21 15.90
N PHE A 227 -20.51 -5.59 16.09
CA PHE A 227 -19.86 -5.49 17.40
C PHE A 227 -20.43 -4.36 18.26
N LEU A 228 -21.27 -3.51 17.71
CA LEU A 228 -21.95 -2.50 18.51
C LEU A 228 -22.87 -3.17 19.53
N ASN A 229 -22.93 -2.61 20.72
CA ASN A 229 -23.72 -3.18 21.80
C ASN A 229 -24.59 -2.11 22.44
N ARG A 230 -25.47 -2.57 23.31
CA ARG A 230 -26.31 -1.68 24.11
C ARG A 230 -25.50 -0.89 25.13
N PHE A 231 -24.30 -1.34 25.45
CA PHE A 231 -23.64 -0.94 26.68
C PHE A 231 -22.69 0.24 26.48
N THR A 232 -22.48 0.98 27.56
CA THR A 232 -21.43 1.97 27.70
C THR A 232 -20.51 1.51 28.83
N THR A 233 -19.34 2.13 28.91
CA THR A 233 -18.38 1.83 29.97
C THR A 233 -17.80 3.13 30.49
N THR A 234 -17.12 3.06 31.63
CA THR A 234 -16.32 4.19 32.05
C THR A 234 -14.96 4.11 31.38
N LEU A 235 -14.29 5.25 31.29
CA LEU A 235 -12.99 5.29 30.63
C LEU A 235 -11.97 4.42 31.38
N ASN A 236 -11.95 4.52 32.71
CA ASN A 236 -10.92 3.83 33.48
C ASN A 236 -11.26 2.35 33.70
N ASP A 237 -12.54 2.00 33.79
CA ASP A 237 -12.88 0.58 33.83
C ASP A 237 -12.53 -0.10 32.51
N PHE A 238 -12.67 0.62 31.40
CA PHE A 238 -12.13 0.13 30.14
C PHE A 238 -10.62 0.01 30.23
N ASN A 239 -9.97 1.03 30.78
CA ASN A 239 -8.52 0.99 30.93
C ASN A 239 -8.09 -0.28 31.65
N LEU A 240 -8.78 -0.62 32.76
CA LEU A 240 -8.55 -1.91 33.44
C LEU A 240 -8.24 -2.98 32.42
N VAL A 241 -9.23 -3.26 31.59
CA VAL A 241 -9.20 -4.40 30.71
C VAL A 241 -8.08 -4.26 29.69
N ALA A 242 -7.98 -3.07 29.11
CA ALA A 242 -6.90 -2.78 28.18
C ALA A 242 -5.55 -3.05 28.83
N MET A 243 -5.45 -2.83 30.13
CA MET A 243 -4.19 -3.05 30.84
C MET A 243 -3.75 -4.50 30.72
N LYS A 244 -4.66 -5.41 31.08
CA LYS A 244 -4.35 -6.83 31.14
C LYS A 244 -4.08 -7.42 29.76
N TYR A 245 -4.52 -6.75 28.69
CA TYR A 245 -4.56 -7.35 27.35
C TYR A 245 -3.46 -6.82 26.43
N ASN A 246 -2.44 -6.17 26.97
CA ASN A 246 -1.43 -5.49 26.17
C ASN A 246 -2.10 -4.52 25.18
N TYR A 247 -3.02 -3.73 25.71
CA TYR A 247 -3.58 -2.58 25.01
C TYR A 247 -3.29 -1.35 25.85
N GLU A 248 -2.62 -0.37 25.26
CA GLU A 248 -2.22 0.50 26.35
C GLU A 248 -3.24 1.62 26.56
N PRO A 249 -3.34 2.15 27.79
CA PRO A 249 -4.58 2.81 28.23
C PRO A 249 -5.01 3.97 27.34
N LEU A 250 -6.30 4.29 27.45
CA LEU A 250 -6.90 5.40 26.72
C LEU A 250 -6.87 6.64 27.61
N THR A 251 -6.11 7.65 27.19
CA THR A 251 -6.08 8.90 27.93
C THR A 251 -7.22 9.82 27.49
N GLN A 252 -7.42 10.90 28.26
CA GLN A 252 -8.39 11.90 27.85
C GLN A 252 -8.03 12.50 26.50
N ASP A 253 -6.74 12.65 26.24
CA ASP A 253 -6.29 13.06 24.92
C ASP A 253 -6.81 12.10 23.86
N HIS A 254 -6.49 10.81 24.00
CA HIS A 254 -6.97 9.79 23.07
C HIS A 254 -8.47 9.88 22.87
N VAL A 255 -9.22 10.20 23.93
CA VAL A 255 -10.65 10.44 23.80
C VAL A 255 -10.90 11.68 22.96
N ASP A 256 -10.06 12.71 23.12
CA ASP A 256 -10.23 13.92 22.33
C ASP A 256 -9.80 13.71 20.88
N ILE A 257 -8.75 12.93 20.62
CA ILE A 257 -8.39 12.68 19.23
C ILE A 257 -9.51 11.96 18.51
N LEU A 258 -10.17 11.02 19.20
CA LEU A 258 -11.23 10.23 18.58
C LEU A 258 -12.55 11.01 18.46
N GLY A 259 -12.62 12.21 19.01
CA GLY A 259 -13.81 13.04 18.96
C GLY A 259 -14.37 13.26 17.56
N PRO A 260 -13.55 13.75 16.63
CA PRO A 260 -14.05 13.97 15.27
C PRO A 260 -14.70 12.74 14.64
N LEU A 261 -14.07 11.57 14.76
CA LEU A 261 -14.71 10.34 14.30
C LEU A 261 -16.01 10.09 15.06
N SER A 262 -16.00 10.33 16.37
CA SER A 262 -17.21 10.17 17.16
C SER A 262 -18.32 11.10 16.68
N ALA A 263 -17.98 12.37 16.44
CA ALA A 263 -18.98 13.34 16.00
C ALA A 263 -19.51 13.01 14.61
N GLN A 264 -18.69 12.39 13.76
CA GLN A 264 -19.12 12.03 12.41
C GLN A 264 -20.06 10.83 12.43
N THR A 265 -19.71 9.80 13.19
CA THR A 265 -20.51 8.59 13.24
C THR A 265 -21.65 8.67 14.24
N GLY A 266 -21.61 9.64 15.16
CA GLY A 266 -22.66 9.79 16.16
C GLY A 266 -22.60 8.80 17.29
N ILE A 267 -21.50 8.06 17.44
CA ILE A 267 -21.34 7.07 18.50
C ILE A 267 -20.33 7.60 19.49
N ALA A 268 -20.71 7.64 20.77
CA ALA A 268 -19.82 8.14 21.80
C ALA A 268 -18.57 7.27 21.91
N VAL A 269 -17.46 7.89 22.30
CA VAL A 269 -16.19 7.16 22.40
C VAL A 269 -16.32 6.00 23.37
N LEU A 270 -16.94 6.23 24.53
CA LEU A 270 -17.12 5.16 25.49
C LEU A 270 -18.08 4.07 25.01
N ASP A 271 -18.86 4.33 23.97
CA ASP A 271 -19.68 3.27 23.39
C ASP A 271 -18.84 2.29 22.59
N MET A 272 -17.83 2.80 21.85
CA MET A 272 -16.86 1.90 21.23
C MET A 272 -16.06 1.14 22.27
N CYS A 273 -15.67 1.82 23.35
CA CYS A 273 -14.87 1.17 24.38
C CYS A 273 -15.61 -0.03 24.97
N ALA A 274 -16.93 0.09 25.14
CA ALA A 274 -17.72 -1.07 25.57
C ALA A 274 -17.70 -2.16 24.51
N SER A 275 -17.82 -1.77 23.23
CA SER A 275 -17.76 -2.74 22.15
C SER A 275 -16.37 -3.37 22.04
N LEU A 276 -15.32 -2.57 22.23
CA LEU A 276 -13.97 -3.09 22.18
C LEU A 276 -13.66 -3.97 23.39
N LYS A 277 -14.27 -3.67 24.54
CA LYS A 277 -13.94 -4.40 25.76
C LYS A 277 -14.29 -5.88 25.65
N GLU A 278 -15.50 -6.20 25.17
CA GLU A 278 -15.82 -7.60 24.94
C GLU A 278 -15.61 -8.03 23.50
N LEU A 279 -14.87 -7.24 22.71
CA LEU A 279 -14.09 -7.84 21.63
C LEU A 279 -12.84 -8.51 22.18
N LEU A 280 -12.28 -7.96 23.25
CA LEU A 280 -11.08 -8.51 23.87
C LEU A 280 -11.40 -9.71 24.74
N GLN A 281 -12.46 -9.63 25.55
CA GLN A 281 -12.77 -10.68 26.51
C GLN A 281 -13.50 -11.85 25.87
N ASN A 282 -14.04 -11.69 24.67
CA ASN A 282 -14.79 -12.73 23.98
C ASN A 282 -14.08 -13.26 22.74
N GLY A 283 -13.37 -12.41 22.02
CA GLY A 283 -12.91 -12.74 20.69
C GLY A 283 -13.95 -12.42 19.64
N MET A 284 -13.49 -12.36 18.39
CA MET A 284 -14.35 -11.88 17.32
C MET A 284 -15.43 -12.90 16.92
N ASN A 285 -15.57 -14.00 17.66
CA ASN A 285 -16.62 -15.00 17.43
C ASN A 285 -16.53 -15.59 16.01
N GLY A 286 -15.31 -15.67 15.47
CA GLY A 286 -15.11 -16.14 14.12
C GLY A 286 -15.43 -15.15 13.04
N ARG A 287 -16.04 -14.01 13.38
CA ARG A 287 -16.41 -13.01 12.40
C ARG A 287 -15.23 -12.09 12.10
N THR A 288 -15.32 -11.40 10.97
CA THR A 288 -14.29 -10.46 10.54
C THR A 288 -14.83 -9.04 10.57
N ILE A 289 -13.93 -8.09 10.80
CA ILE A 289 -14.24 -6.67 10.71
C ILE A 289 -13.37 -6.08 9.62
N LEU A 290 -14.02 -5.48 8.62
CA LEU A 290 -13.32 -4.87 7.48
C LEU A 290 -12.39 -5.85 6.79
N GLY A 291 -12.77 -7.13 6.76
CA GLY A 291 -12.01 -8.14 6.07
C GLY A 291 -10.85 -8.74 6.85
N SER A 292 -10.71 -8.42 8.13
CA SER A 292 -9.63 -8.94 8.95
C SER A 292 -10.17 -9.81 10.07
N ALA A 293 -9.48 -10.90 10.34
CA ALA A 293 -9.75 -11.73 11.51
C ALA A 293 -8.95 -11.28 12.73
N LEU A 294 -8.18 -10.20 12.64
CA LEU A 294 -7.53 -9.65 13.81
C LEU A 294 -8.05 -8.25 14.07
N LEU A 295 -7.71 -7.72 15.24
CA LEU A 295 -7.95 -6.32 15.58
C LEU A 295 -6.78 -5.51 15.03
N GLU A 296 -7.01 -4.82 13.91
CA GLU A 296 -5.96 -4.10 13.20
C GLU A 296 -5.79 -2.70 13.78
N ASP A 297 -4.53 -2.29 13.98
CA ASP A 297 -4.24 -1.10 14.77
C ASP A 297 -3.21 -0.19 14.10
N GLU A 298 -3.13 -0.21 12.77
CA GLU A 298 -2.20 0.64 12.04
C GLU A 298 -2.90 1.82 11.37
N PHE A 299 -4.04 2.24 11.91
CA PHE A 299 -4.83 3.34 11.37
C PHE A 299 -4.99 4.40 12.46
N THR A 300 -4.26 5.51 12.32
CA THR A 300 -4.45 6.64 13.20
C THR A 300 -5.76 7.34 12.86
N PRO A 301 -6.30 8.12 13.80
CA PRO A 301 -7.55 8.86 13.52
C PRO A 301 -7.50 9.70 12.26
N PHE A 302 -6.35 10.27 11.89
CA PHE A 302 -6.28 10.99 10.62
C PHE A 302 -6.32 10.03 9.44
N ASP A 303 -5.64 8.88 9.57
CA ASP A 303 -5.66 7.88 8.50
C ASP A 303 -7.08 7.51 8.11
N VAL A 304 -7.95 7.32 9.11
CA VAL A 304 -9.35 7.03 8.82
C VAL A 304 -10.02 8.24 8.18
N VAL A 305 -9.77 9.44 8.71
CA VAL A 305 -10.38 10.65 8.18
C VAL A 305 -9.98 10.85 6.72
N ARG A 306 -8.68 10.73 6.42
CA ARG A 306 -8.20 11.05 5.08
C ARG A 306 -8.66 10.01 4.06
N GLN A 307 -8.91 8.77 4.47
CA GLN A 307 -9.38 7.75 3.54
C GLN A 307 -10.89 7.78 3.39
N CYS A 308 -11.62 8.15 4.44
CA CYS A 308 -13.08 8.19 4.38
C CYS A 308 -13.61 9.52 3.86
N SER A 309 -12.91 10.62 4.12
CA SER A 309 -13.31 11.92 3.58
C SER A 309 -12.73 12.19 2.21
N GLY A 310 -11.88 11.31 1.69
CA GLY A 310 -11.29 11.49 0.38
C GLY A 310 -10.28 12.62 0.30
N VAL A 311 -9.42 12.75 1.32
CA VAL A 311 -8.48 13.85 1.36
C VAL A 311 -7.35 13.60 0.37
N THR A 312 -7.10 14.59 -0.48
CA THR A 312 -6.08 14.51 -1.52
C THR A 312 -4.99 15.54 -1.25
N PHE A 313 -3.80 15.28 -1.80
CA PHE A 313 -2.61 16.08 -1.54
C PHE A 313 -1.92 16.39 -2.87
N GLN A 314 -2.04 17.64 -3.30
CA GLN A 314 -1.63 18.07 -4.64
C GLN A 314 -1.82 19.58 -4.77
N SER B 9 13.55 -8.85 4.80
CA SER B 9 12.42 -9.77 4.90
C SER B 9 11.13 -9.01 5.15
N GLY B 10 10.05 -9.77 5.39
CA GLY B 10 8.75 -9.16 5.66
C GLY B 10 7.80 -9.22 4.49
N PHE B 11 6.53 -9.47 4.77
CA PHE B 11 5.51 -9.61 3.74
C PHE B 11 4.51 -8.47 3.88
N ARG B 12 4.48 -7.61 2.88
CA ARG B 12 3.64 -6.42 2.88
C ARG B 12 3.14 -6.17 1.46
N LYS B 13 1.82 -6.14 1.32
CA LYS B 13 1.12 -5.54 0.18
C LYS B 13 1.72 -4.20 -0.20
N MET B 14 2.35 -4.13 -1.35
CA MET B 14 2.98 -2.90 -1.79
C MET B 14 2.32 -2.43 -3.07
N ALA B 15 2.18 -1.11 -3.21
CA ALA B 15 1.81 -0.49 -4.48
C ALA B 15 3.04 0.13 -5.12
N PHE B 16 2.97 0.37 -6.42
CA PHE B 16 4.08 0.99 -7.13
C PHE B 16 4.17 2.48 -6.77
N PRO B 17 5.35 3.08 -6.90
CA PRO B 17 5.46 4.53 -6.73
C PRO B 17 4.52 5.24 -7.70
N SER B 18 3.65 6.10 -7.14
CA SER B 18 2.56 6.68 -7.90
C SER B 18 2.97 7.90 -8.72
N GLY B 19 4.22 8.35 -8.61
CA GLY B 19 4.60 9.65 -9.17
C GLY B 19 4.26 9.80 -10.64
N LYS B 20 4.55 8.76 -11.44
CA LYS B 20 4.37 8.86 -12.87
C LYS B 20 2.90 8.87 -13.28
N VAL B 21 2.00 8.38 -12.42
CA VAL B 21 0.57 8.46 -12.70
C VAL B 21 0.01 9.80 -12.25
N GLU B 22 0.50 10.33 -11.12
CA GLU B 22 -0.04 11.58 -10.59
C GLU B 22 0.09 12.72 -11.60
N GLY B 23 1.18 12.75 -12.35
CA GLY B 23 1.34 13.75 -13.39
C GLY B 23 0.37 13.64 -14.54
N CYS B 24 -0.48 12.60 -14.56
CA CYS B 24 -1.46 12.39 -15.60
C CYS B 24 -2.89 12.55 -15.11
N MET B 25 -3.09 12.82 -13.83
CA MET B 25 -4.44 12.86 -13.25
C MET B 25 -4.99 14.28 -13.29
N VAL B 26 -6.16 14.43 -13.90
CA VAL B 26 -6.83 15.71 -14.04
C VAL B 26 -8.27 15.57 -13.58
N GLN B 27 -8.93 16.73 -13.44
CA GLN B 27 -10.35 16.79 -13.09
C GLN B 27 -11.16 17.03 -14.36
N VAL B 28 -12.24 16.28 -14.52
CA VAL B 28 -13.15 16.41 -15.65
C VAL B 28 -14.54 16.68 -15.10
N THR B 29 -15.18 17.75 -15.59
CA THR B 29 -16.48 18.18 -15.09
C THR B 29 -17.42 18.42 -16.26
N CYS B 30 -18.61 17.80 -16.18
CA CYS B 30 -19.67 18.00 -17.17
C CYS B 30 -20.97 18.21 -16.40
N GLY B 31 -21.51 19.43 -16.48
CA GLY B 31 -22.70 19.73 -15.70
C GLY B 31 -22.34 19.84 -14.23
N THR B 32 -23.03 19.05 -13.40
CA THR B 32 -22.70 18.94 -11.98
C THR B 32 -21.89 17.70 -11.65
N THR B 33 -21.62 16.85 -12.64
CA THR B 33 -20.81 15.65 -12.42
C THR B 33 -19.33 16.02 -12.50
N THR B 34 -18.58 15.71 -11.45
CA THR B 34 -17.14 15.98 -11.40
C THR B 34 -16.41 14.69 -11.08
N LEU B 35 -15.55 14.25 -11.98
CA LEU B 35 -14.78 13.03 -11.77
C LEU B 35 -13.40 13.23 -12.40
N ASN B 36 -12.56 12.20 -12.24
CA ASN B 36 -11.15 12.31 -12.61
C ASN B 36 -10.91 11.84 -14.04
N GLY B 37 -9.85 12.36 -14.64
CA GLY B 37 -9.43 11.94 -15.96
C GLY B 37 -7.93 11.70 -16.00
N LEU B 38 -7.53 10.84 -16.93
CA LEU B 38 -6.12 10.53 -17.14
C LEU B 38 -5.63 11.29 -18.37
N TRP B 39 -4.67 12.16 -18.18
CA TRP B 39 -4.20 13.08 -19.21
C TRP B 39 -2.89 12.57 -19.80
N LEU B 40 -2.96 12.04 -21.02
CA LEU B 40 -1.80 11.51 -21.72
C LEU B 40 -1.65 12.26 -23.03
N ASP B 41 -0.52 12.94 -23.19
CA ASP B 41 -0.27 13.81 -24.34
C ASP B 41 -1.44 14.79 -24.50
N ASP B 42 -2.13 14.76 -25.64
CA ASP B 42 -3.22 15.69 -25.91
C ASP B 42 -4.59 15.05 -25.80
N VAL B 43 -4.72 14.00 -25.00
CA VAL B 43 -5.98 13.29 -24.81
C VAL B 43 -6.23 13.12 -23.33
N VAL B 44 -7.49 13.20 -22.93
CA VAL B 44 -7.93 12.95 -21.55
C VAL B 44 -8.95 11.82 -21.59
N TYR B 45 -8.67 10.74 -20.86
CA TYR B 45 -9.57 9.61 -20.76
C TYR B 45 -10.35 9.68 -19.46
N CYS B 46 -11.65 9.52 -19.52
CA CYS B 46 -12.51 9.52 -18.34
C CYS B 46 -13.71 8.63 -18.61
N PRO B 47 -14.40 8.18 -17.56
CA PRO B 47 -15.62 7.38 -17.79
C PRO B 47 -16.68 8.16 -18.54
N ARG B 48 -17.34 7.48 -19.48
CA ARG B 48 -18.35 8.13 -20.30
C ARG B 48 -19.66 8.38 -19.57
N HIS B 49 -19.78 8.02 -18.30
CA HIS B 49 -20.97 8.38 -17.55
C HIS B 49 -20.87 9.78 -16.95
N VAL B 50 -19.84 10.54 -17.33
CA VAL B 50 -19.71 11.93 -16.89
C VAL B 50 -20.68 12.84 -17.66
N ILE B 51 -21.14 12.40 -18.83
CA ILE B 51 -22.07 13.16 -19.67
C ILE B 51 -23.52 12.87 -19.31
N CYS B 52 -23.75 12.16 -18.22
CA CYS B 52 -25.12 11.88 -17.80
C CYS B 52 -25.54 12.81 -16.69
N THR B 53 -26.81 13.21 -16.71
CA THR B 53 -27.39 13.97 -15.62
C THR B 53 -27.73 13.03 -14.46
N SER B 54 -28.31 13.60 -13.40
CA SER B 54 -28.66 12.79 -12.24
C SER B 54 -29.61 11.65 -12.64
N GLU B 55 -30.62 11.97 -13.44
CA GLU B 55 -31.69 11.06 -13.79
C GLU B 55 -31.57 10.55 -15.23
N ASP B 56 -30.37 10.64 -15.81
CA ASP B 56 -30.10 10.15 -17.16
C ASP B 56 -29.65 8.70 -17.18
N MET B 57 -29.19 8.21 -16.03
CA MET B 57 -28.38 7.03 -15.82
C MET B 57 -29.18 5.76 -15.63
N LEU B 58 -30.49 5.82 -15.81
CA LEU B 58 -31.35 4.68 -15.53
C LEU B 58 -31.57 3.84 -16.77
N ASN B 59 -31.70 4.50 -17.91
CA ASN B 59 -31.76 3.85 -19.21
C ASN B 59 -31.11 4.81 -20.20
N PRO B 60 -29.76 4.88 -20.20
CA PRO B 60 -29.09 5.94 -20.96
C PRO B 60 -28.80 5.57 -22.41
N ASN B 61 -29.17 6.47 -23.33
CA ASN B 61 -28.81 6.36 -24.74
C ASN B 61 -27.51 7.14 -24.92
N TYR B 62 -26.39 6.47 -24.67
CA TYR B 62 -25.10 7.16 -24.61
C TYR B 62 -24.74 7.81 -25.93
N GLU B 63 -25.09 7.18 -27.06
CA GLU B 63 -24.86 7.82 -28.35
C GLU B 63 -25.71 9.08 -28.49
N ASP B 64 -26.98 9.01 -28.06
CA ASP B 64 -27.84 10.19 -28.12
C ASP B 64 -27.33 11.30 -27.20
N LEU B 65 -26.91 10.94 -25.99
CA LEU B 65 -26.42 11.93 -25.05
C LEU B 65 -25.17 12.62 -25.57
N LEU B 66 -24.34 11.91 -26.32
CA LEU B 66 -23.14 12.54 -26.84
C LEU B 66 -23.44 13.55 -27.92
N ILE B 67 -24.50 13.34 -28.71
CA ILE B 67 -24.93 14.35 -29.68
C ILE B 67 -25.26 15.65 -28.94
N ARG B 68 -25.91 15.51 -27.79
CA ARG B 68 -26.46 16.65 -27.06
C ARG B 68 -25.38 17.56 -26.49
N LYS B 69 -24.15 17.06 -26.33
CA LYS B 69 -23.08 17.83 -25.72
C LYS B 69 -22.16 18.42 -26.77
N SER B 70 -21.61 19.59 -26.45
CA SER B 70 -20.65 20.29 -27.28
C SER B 70 -19.33 20.39 -26.52
N ASN B 71 -18.32 20.96 -27.19
CA ASN B 71 -16.98 21.03 -26.60
C ASN B 71 -16.99 21.81 -25.29
N HIS B 72 -17.73 22.92 -25.24
CA HIS B 72 -17.76 23.75 -24.04
C HIS B 72 -18.36 23.03 -22.83
N ASN B 73 -19.09 21.94 -23.06
CA ASN B 73 -19.71 21.20 -21.95
C ASN B 73 -18.68 20.50 -21.07
N PHE B 74 -17.44 20.36 -21.53
CA PHE B 74 -16.43 19.57 -20.84
C PHE B 74 -15.39 20.51 -20.24
N LEU B 75 -15.35 20.57 -18.92
CA LEU B 75 -14.42 21.41 -18.19
C LEU B 75 -13.30 20.52 -17.64
N VAL B 76 -12.14 20.56 -18.27
CA VAL B 76 -10.98 19.81 -17.82
C VAL B 76 -10.07 20.75 -17.05
N GLN B 77 -9.62 20.29 -15.89
CA GLN B 77 -8.85 21.09 -14.94
C GLN B 77 -7.56 20.34 -14.66
N ALA B 78 -6.43 20.90 -15.09
CA ALA B 78 -5.13 20.26 -14.95
C ALA B 78 -4.36 20.96 -13.85
N GLY B 79 -4.35 20.37 -12.66
CA GLY B 79 -3.72 20.99 -11.51
C GLY B 79 -4.35 22.33 -11.18
N ASN B 80 -3.59 23.40 -11.37
CA ASN B 80 -4.05 24.75 -11.05
C ASN B 80 -4.52 25.53 -12.27
N VAL B 81 -4.52 24.92 -13.46
CA VAL B 81 -4.72 25.66 -14.69
C VAL B 81 -5.88 25.02 -15.43
N GLN B 82 -6.64 25.84 -16.15
CA GLN B 82 -7.75 25.31 -16.93
C GLN B 82 -7.26 24.86 -18.30
N LEU B 83 -7.86 23.78 -18.80
CA LEU B 83 -7.60 23.26 -20.13
C LEU B 83 -8.83 23.43 -21.00
N ARG B 84 -8.62 23.80 -22.27
CA ARG B 84 -9.71 23.96 -23.21
C ARG B 84 -9.93 22.66 -23.96
N VAL B 85 -11.17 22.16 -23.92
CA VAL B 85 -11.53 20.96 -24.68
C VAL B 85 -11.83 21.37 -26.11
N ILE B 86 -10.99 20.90 -27.04
CA ILE B 86 -11.04 21.32 -28.42
C ILE B 86 -11.63 20.24 -29.31
N GLY B 87 -12.18 19.17 -28.72
CA GLY B 87 -12.79 18.06 -29.42
C GLY B 87 -12.85 16.85 -28.50
N HIS B 88 -13.75 15.91 -28.73
CA HIS B 88 -13.89 14.76 -27.85
C HIS B 88 -13.88 13.47 -28.65
N SER B 89 -13.04 12.54 -28.25
CA SER B 89 -13.01 11.18 -28.77
C SER B 89 -13.59 10.25 -27.72
N MET B 90 -14.18 9.16 -28.16
CA MET B 90 -14.78 8.22 -27.23
C MET B 90 -14.77 6.80 -27.75
N GLN B 91 -14.47 5.84 -26.87
CA GLN B 91 -14.39 4.42 -27.23
C GLN B 91 -15.08 3.56 -26.19
N ASN B 92 -16.11 2.81 -26.60
CA ASN B 92 -16.82 1.92 -25.68
C ASN B 92 -17.36 2.71 -24.50
N CYS B 93 -16.77 2.57 -23.32
CA CYS B 93 -17.29 3.22 -22.12
C CYS B 93 -16.39 4.34 -21.58
N VAL B 94 -15.42 4.83 -22.36
CA VAL B 94 -14.56 5.94 -21.94
C VAL B 94 -14.68 7.07 -22.95
N LEU B 95 -14.64 8.31 -22.43
CA LEU B 95 -14.41 9.48 -23.26
C LEU B 95 -12.91 9.72 -23.42
N LYS B 96 -12.56 10.40 -24.51
CA LYS B 96 -11.20 10.86 -24.76
C LYS B 96 -11.34 12.32 -25.17
N LEU B 97 -11.06 13.25 -24.26
CA LEU B 97 -11.26 14.67 -24.54
C LEU B 97 -9.97 15.23 -25.13
N LYS B 98 -10.06 15.83 -26.33
CA LYS B 98 -8.91 16.53 -26.86
C LYS B 98 -8.74 17.86 -26.19
N VAL B 99 -7.52 18.11 -25.73
CA VAL B 99 -7.16 19.38 -25.12
C VAL B 99 -6.17 20.07 -26.04
N ASP B 100 -6.00 21.38 -25.81
CA ASP B 100 -5.21 22.20 -26.72
C ASP B 100 -3.71 21.98 -26.57
N THR B 101 -3.25 21.58 -25.39
CA THR B 101 -1.84 21.36 -25.11
C THR B 101 -1.58 19.93 -24.66
N ALA B 102 -0.59 19.30 -25.27
CA ALA B 102 -0.18 17.96 -24.90
C ALA B 102 0.47 17.96 -23.52
N ASN B 103 0.25 16.89 -22.79
CA ASN B 103 0.76 16.78 -21.43
C ASN B 103 2.28 16.62 -21.43
N PRO B 104 3.04 17.60 -20.94
CA PRO B 104 4.51 17.44 -20.92
C PRO B 104 4.96 16.37 -19.95
N LYS B 105 4.10 16.02 -19.00
CA LYS B 105 4.36 15.10 -17.90
C LYS B 105 4.08 13.65 -18.27
N THR B 106 3.73 13.39 -19.52
CA THR B 106 3.34 12.06 -19.95
C THR B 106 4.51 11.10 -19.83
N PRO B 107 4.30 9.90 -19.27
CA PRO B 107 5.41 8.96 -19.13
C PRO B 107 5.45 7.94 -20.25
N LYS B 108 6.41 7.03 -20.20
CA LYS B 108 6.32 5.82 -21.01
C LYS B 108 5.05 5.08 -20.61
N TYR B 109 4.15 4.87 -21.56
CA TYR B 109 2.82 4.47 -21.14
C TYR B 109 2.34 3.37 -22.05
N LYS B 110 1.46 2.52 -21.54
CA LYS B 110 1.03 1.37 -22.34
C LYS B 110 -0.24 0.80 -21.74
N PHE B 111 -1.20 0.50 -22.61
CA PHE B 111 -2.54 0.06 -22.21
C PHE B 111 -2.58 -1.47 -22.25
N VAL B 112 -2.84 -2.09 -21.11
CA VAL B 112 -2.94 -3.54 -21.03
C VAL B 112 -4.31 -3.92 -20.49
N ARG B 113 -4.63 -5.20 -20.61
CA ARG B 113 -5.84 -5.79 -20.03
C ARG B 113 -5.43 -7.00 -19.20
N ILE B 114 -5.49 -6.85 -17.88
CA ILE B 114 -5.12 -7.95 -16.98
C ILE B 114 -6.28 -8.93 -16.86
N GLN B 115 -5.95 -10.14 -16.41
CA GLN B 115 -6.94 -11.15 -16.09
C GLN B 115 -6.97 -11.42 -14.59
N PRO B 116 -8.05 -12.02 -14.08
CA PRO B 116 -8.17 -12.23 -12.63
C PRO B 116 -6.97 -12.96 -12.03
N GLY B 117 -6.71 -12.68 -10.75
CA GLY B 117 -5.53 -13.13 -10.07
C GLY B 117 -4.39 -12.13 -10.09
N GLN B 118 -4.27 -11.36 -11.15
CA GLN B 118 -3.18 -10.42 -11.31
C GLN B 118 -3.43 -9.17 -10.47
N THR B 119 -2.35 -8.50 -10.08
CA THR B 119 -2.40 -7.36 -9.18
C THR B 119 -1.97 -6.08 -9.88
N PHE B 120 -2.66 -4.98 -9.56
CA PHE B 120 -2.35 -3.66 -10.07
C PHE B 120 -2.47 -2.66 -8.93
N SER B 121 -1.76 -1.55 -9.08
CA SER B 121 -1.79 -0.47 -8.09
C SER B 121 -2.86 0.55 -8.47
N VAL B 122 -3.64 0.97 -7.48
CA VAL B 122 -4.66 1.98 -7.65
C VAL B 122 -4.17 3.29 -7.04
N LEU B 123 -4.26 4.37 -7.80
CA LEU B 123 -4.06 5.72 -7.28
C LEU B 123 -5.45 6.32 -7.08
N ALA B 124 -5.97 6.23 -5.87
CA ALA B 124 -7.28 6.80 -5.57
C ALA B 124 -7.22 8.32 -5.68
N CYS B 125 -8.12 8.88 -6.48
CA CYS B 125 -8.08 10.30 -6.81
C CYS B 125 -9.44 10.94 -6.62
N TYR B 126 -9.43 12.24 -6.28
CA TYR B 126 -10.63 13.03 -6.11
C TYR B 126 -10.34 14.45 -6.58
N ASN B 127 -11.15 14.94 -7.52
CA ASN B 127 -10.98 16.26 -8.13
C ASN B 127 -9.62 16.40 -8.81
N GLY B 128 -9.11 15.31 -9.36
CA GLY B 128 -7.86 15.31 -10.08
C GLY B 128 -6.61 15.15 -9.23
N SER B 129 -6.76 15.03 -7.91
CA SER B 129 -5.60 14.96 -7.02
C SER B 129 -5.57 13.62 -6.29
N PRO B 130 -4.38 13.10 -5.99
CA PRO B 130 -4.28 11.77 -5.39
C PRO B 130 -4.60 11.79 -3.90
N SER B 131 -5.41 10.83 -3.47
CA SER B 131 -5.68 10.59 -2.06
C SER B 131 -4.76 9.53 -1.47
N GLY B 132 -4.52 8.45 -2.19
CA GLY B 132 -3.67 7.39 -1.69
C GLY B 132 -3.42 6.37 -2.76
N VAL B 133 -2.50 5.45 -2.46
CA VAL B 133 -2.14 4.38 -3.37
C VAL B 133 -2.13 3.07 -2.59
N TYR B 134 -2.74 2.03 -3.16
CA TYR B 134 -2.80 0.72 -2.54
C TYR B 134 -2.79 -0.32 -3.66
N GLN B 135 -2.62 -1.58 -3.26
CA GLN B 135 -2.51 -2.68 -4.20
C GLN B 135 -3.81 -3.47 -4.25
N CYS B 136 -4.25 -3.79 -5.47
CA CYS B 136 -5.47 -4.54 -5.69
C CYS B 136 -5.19 -5.72 -6.62
N ALA B 137 -5.96 -6.78 -6.44
CA ALA B 137 -5.95 -7.94 -7.30
C ALA B 137 -7.31 -8.11 -7.94
N MET B 138 -7.29 -8.62 -9.16
CA MET B 138 -8.48 -8.77 -9.96
C MET B 138 -9.20 -10.04 -9.51
N ARG B 139 -10.33 -9.87 -8.83
CA ARG B 139 -11.07 -11.02 -8.34
C ARG B 139 -11.59 -11.84 -9.52
N PRO B 140 -11.77 -13.15 -9.33
CA PRO B 140 -12.28 -13.98 -10.44
C PRO B 140 -13.66 -13.55 -10.93
N ASN B 141 -14.44 -12.89 -10.09
CA ASN B 141 -15.72 -12.34 -10.54
C ASN B 141 -15.58 -10.97 -11.20
N PHE B 142 -14.34 -10.58 -11.51
CA PHE B 142 -14.05 -9.39 -12.30
C PHE B 142 -14.39 -8.09 -11.56
N THR B 143 -14.39 -8.12 -10.23
CA THR B 143 -14.51 -6.91 -9.44
C THR B 143 -13.20 -6.70 -8.71
N ILE B 144 -12.98 -5.51 -8.15
CA ILE B 144 -11.83 -5.27 -7.30
C ILE B 144 -12.34 -4.91 -5.91
N LYS B 145 -11.65 -5.37 -4.86
CA LYS B 145 -11.98 -4.92 -3.49
C LYS B 145 -11.18 -3.65 -3.13
N GLY B 146 -11.58 -2.53 -3.69
CA GLY B 146 -10.84 -1.31 -3.51
C GLY B 146 -11.40 -0.44 -2.40
N SER B 147 -11.02 0.83 -2.44
CA SER B 147 -11.48 1.84 -1.48
C SER B 147 -11.81 3.08 -2.30
N PHE B 148 -13.09 3.28 -2.57
CA PHE B 148 -13.54 4.34 -3.46
C PHE B 148 -14.76 5.03 -2.89
N LEU B 149 -14.88 6.32 -3.18
CA LEU B 149 -16.02 7.14 -2.79
C LEU B 149 -16.56 7.83 -4.03
N ASN B 150 -17.73 8.45 -3.88
CA ASN B 150 -18.27 9.24 -4.99
C ASN B 150 -17.29 10.34 -5.37
N GLY B 151 -17.01 10.44 -6.66
CA GLY B 151 -15.96 11.31 -7.15
C GLY B 151 -14.66 10.60 -7.48
N SER B 152 -14.53 9.32 -7.09
CA SER B 152 -13.33 8.57 -7.41
C SER B 152 -13.35 8.03 -8.84
N SER B 153 -14.51 8.02 -9.50
CA SER B 153 -14.62 7.61 -10.89
C SER B 153 -13.54 8.27 -11.73
N GLY B 154 -12.68 7.46 -12.34
CA GLY B 154 -11.57 7.95 -13.12
C GLY B 154 -10.22 7.60 -12.56
N SER B 155 -10.14 7.27 -11.27
CA SER B 155 -8.91 6.72 -10.72
C SER B 155 -8.50 5.50 -11.51
N VAL B 156 -7.19 5.32 -11.71
CA VAL B 156 -6.70 4.31 -12.62
C VAL B 156 -5.89 3.27 -11.85
N GLY B 157 -5.79 2.08 -12.45
CA GLY B 157 -4.95 1.01 -11.94
C GLY B 157 -3.79 0.79 -12.87
N PHE B 158 -2.62 0.48 -12.31
CA PHE B 158 -1.41 0.49 -13.11
C PHE B 158 -0.35 -0.42 -12.50
N ASN B 159 0.61 -0.81 -13.34
CA ASN B 159 1.86 -1.44 -12.93
C ASN B 159 3.01 -0.74 -13.61
N ILE B 160 4.20 -0.83 -13.00
CA ILE B 160 5.39 -0.15 -13.50
C ILE B 160 6.48 -1.18 -13.68
N ASP B 161 6.87 -1.43 -14.93
CA ASP B 161 8.03 -2.25 -15.25
C ASP B 161 9.05 -1.39 -15.99
N TYR B 162 10.32 -1.53 -15.61
CA TYR B 162 11.37 -0.63 -16.07
C TYR B 162 10.97 0.81 -15.76
N ASP B 163 10.61 1.56 -16.80
CA ASP B 163 10.11 2.93 -16.63
C ASP B 163 8.81 3.15 -17.39
N CYS B 164 8.16 2.09 -17.84
CA CYS B 164 6.92 2.17 -18.59
C CYS B 164 5.74 1.90 -17.68
N VAL B 165 4.71 2.75 -17.78
CA VAL B 165 3.51 2.62 -16.95
C VAL B 165 2.50 1.80 -17.73
N SER B 166 2.05 0.69 -17.14
CA SER B 166 1.06 -0.19 -17.74
C SER B 166 -0.30 0.15 -17.14
N PHE B 167 -1.14 0.84 -17.91
CA PHE B 167 -2.49 1.17 -17.47
C PHE B 167 -3.42 0.01 -17.81
N CYS B 168 -4.15 -0.47 -16.81
CA CYS B 168 -4.98 -1.65 -16.96
C CYS B 168 -6.39 -1.49 -16.43
N TYR B 169 -6.65 -0.50 -15.59
CA TYR B 169 -7.93 -0.36 -14.93
C TYR B 169 -8.29 1.12 -14.85
N MET B 170 -9.56 1.42 -15.14
CA MET B 170 -10.13 2.73 -14.86
C MET B 170 -11.39 2.52 -14.05
N HIS B 171 -11.46 3.14 -12.89
CA HIS B 171 -12.59 2.93 -12.00
C HIS B 171 -13.83 3.64 -12.51
N HIS B 172 -14.96 2.93 -12.45
CA HIS B 172 -16.24 3.45 -12.91
C HIS B 172 -17.28 3.49 -11.81
N MET B 173 -17.56 2.36 -11.16
CA MET B 173 -18.75 2.24 -10.35
C MET B 173 -18.52 1.24 -9.22
N GLU B 174 -19.43 1.27 -8.24
CA GLU B 174 -19.37 0.41 -7.08
C GLU B 174 -20.63 -0.46 -7.04
N LEU B 175 -20.43 -1.76 -6.92
CA LEU B 175 -21.53 -2.71 -6.84
C LEU B 175 -22.12 -2.71 -5.43
N PRO B 176 -23.37 -3.16 -5.27
CA PRO B 176 -24.03 -3.07 -3.96
C PRO B 176 -23.31 -3.84 -2.86
N THR B 177 -22.56 -4.89 -3.21
CA THR B 177 -21.90 -5.71 -2.20
C THR B 177 -20.71 -5.01 -1.55
N GLY B 178 -20.31 -3.84 -2.06
CA GLY B 178 -19.15 -3.14 -1.56
C GLY B 178 -17.92 -3.26 -2.44
N VAL B 179 -17.94 -4.12 -3.45
CA VAL B 179 -16.82 -4.26 -4.37
C VAL B 179 -16.96 -3.22 -5.47
N HIS B 180 -15.98 -3.16 -6.36
CA HIS B 180 -15.90 -2.10 -7.36
C HIS B 180 -15.62 -2.70 -8.73
N ALA B 181 -16.15 -2.04 -9.76
CA ALA B 181 -16.01 -2.50 -11.14
C ALA B 181 -15.56 -1.36 -12.02
N GLY B 182 -14.80 -1.69 -13.06
CA GLY B 182 -14.32 -0.69 -13.98
C GLY B 182 -14.02 -1.23 -15.37
N THR B 183 -13.39 -0.41 -16.20
CA THR B 183 -13.03 -0.77 -17.56
C THR B 183 -11.52 -0.68 -17.72
N ASP B 184 -11.02 -1.34 -18.76
CA ASP B 184 -9.65 -1.09 -19.14
C ASP B 184 -9.58 0.21 -19.93
N LEU B 185 -8.36 0.64 -20.22
CA LEU B 185 -8.24 1.94 -20.84
C LEU B 185 -8.71 1.99 -22.28
N GLU B 186 -9.32 0.97 -22.84
CA GLU B 186 -9.89 1.25 -24.14
C GLU B 186 -11.41 1.36 -24.02
N GLY B 187 -11.92 1.31 -22.79
CA GLY B 187 -13.31 1.50 -22.49
C GLY B 187 -14.13 0.24 -22.27
N ASN B 188 -13.53 -0.95 -22.32
CA ASN B 188 -14.28 -2.19 -22.20
C ASN B 188 -14.31 -2.67 -20.76
N PHE B 189 -15.51 -2.92 -20.25
CA PHE B 189 -15.66 -3.36 -18.87
C PHE B 189 -15.01 -4.72 -18.67
N TYR B 190 -14.49 -4.93 -17.46
CA TYR B 190 -14.14 -6.26 -17.00
C TYR B 190 -15.40 -6.95 -16.49
N GLY B 191 -15.68 -8.14 -17.00
CA GLY B 191 -16.87 -8.86 -16.59
C GLY B 191 -18.12 -8.35 -17.27
N PRO B 192 -19.28 -8.75 -16.77
CA PRO B 192 -20.55 -8.48 -17.46
C PRO B 192 -21.18 -7.12 -17.15
N PHE B 193 -20.48 -6.24 -16.44
CA PHE B 193 -21.09 -5.00 -15.97
C PHE B 193 -21.26 -4.00 -17.12
N VAL B 194 -22.30 -3.17 -16.99
CA VAL B 194 -22.56 -2.08 -17.93
C VAL B 194 -22.79 -0.80 -17.13
N ASP B 195 -22.36 0.33 -17.69
CA ASP B 195 -22.42 1.60 -16.97
C ASP B 195 -23.82 2.23 -17.09
N ARG B 196 -24.79 1.51 -16.52
CA ARG B 196 -26.15 2.00 -16.36
C ARG B 196 -26.64 1.58 -14.97
N GLN B 197 -27.57 2.36 -14.41
CA GLN B 197 -28.14 2.04 -13.10
C GLN B 197 -29.32 1.10 -13.29
N THR B 198 -29.01 -0.19 -13.42
CA THR B 198 -30.04 -1.21 -13.50
C THR B 198 -29.75 -2.35 -12.55
N ALA B 199 -30.43 -3.47 -12.77
CA ALA B 199 -30.29 -4.64 -11.90
C ALA B 199 -28.97 -5.34 -12.21
N GLN B 200 -27.96 -5.10 -11.38
CA GLN B 200 -26.65 -5.70 -11.55
C GLN B 200 -26.16 -6.27 -10.22
N ALA B 201 -25.49 -7.42 -10.29
CA ALA B 201 -24.93 -8.07 -9.12
C ALA B 201 -23.54 -8.58 -9.42
N ALA B 202 -22.64 -8.43 -8.45
CA ALA B 202 -21.34 -9.06 -8.56
C ALA B 202 -21.51 -10.58 -8.62
N GLY B 203 -20.78 -11.21 -9.52
CA GLY B 203 -20.79 -12.66 -9.60
C GLY B 203 -20.33 -13.29 -8.29
N THR B 204 -20.47 -14.61 -8.22
CA THR B 204 -20.00 -15.33 -7.05
C THR B 204 -18.50 -15.12 -6.90
N ASP B 205 -18.11 -14.51 -5.79
CA ASP B 205 -16.69 -14.30 -5.54
C ASP B 205 -16.00 -15.63 -5.26
N THR B 206 -14.79 -15.77 -5.78
CA THR B 206 -14.11 -17.05 -5.77
C THR B 206 -12.71 -16.85 -5.23
N THR B 207 -12.20 -17.84 -4.49
CA THR B 207 -10.89 -17.69 -3.88
C THR B 207 -9.80 -18.00 -4.90
N ILE B 208 -8.87 -17.06 -5.07
CA ILE B 208 -7.76 -17.23 -6.01
C ILE B 208 -6.79 -18.26 -5.46
N THR B 209 -6.82 -19.46 -6.04
CA THR B 209 -6.13 -20.60 -5.43
C THR B 209 -4.62 -20.46 -5.49
N VAL B 210 -4.08 -20.07 -6.65
CA VAL B 210 -2.63 -19.94 -6.78
C VAL B 210 -2.09 -18.91 -5.79
N ASN B 211 -2.87 -17.86 -5.54
CA ASN B 211 -2.46 -16.87 -4.55
C ASN B 211 -2.58 -17.39 -3.13
N VAL B 212 -3.55 -18.29 -2.88
CA VAL B 212 -3.65 -18.92 -1.58
C VAL B 212 -2.45 -19.83 -1.33
N LEU B 213 -1.99 -20.51 -2.38
CA LEU B 213 -0.85 -21.41 -2.22
C LEU B 213 0.43 -20.63 -1.95
N ALA B 214 0.63 -19.51 -2.63
CA ALA B 214 1.78 -18.66 -2.35
C ALA B 214 1.75 -18.15 -0.91
N TRP B 215 0.56 -17.75 -0.45
CA TRP B 215 0.39 -17.38 0.96
C TRP B 215 0.86 -18.49 1.87
N LEU B 216 0.50 -19.73 1.54
CA LEU B 216 0.88 -20.86 2.36
C LEU B 216 2.38 -21.12 2.27
N TYR B 217 2.98 -20.93 1.08
CA TYR B 217 4.42 -21.04 0.96
C TYR B 217 5.14 -19.95 1.77
N ALA B 218 4.54 -18.76 1.86
CA ALA B 218 5.16 -17.68 2.62
C ALA B 218 5.14 -17.95 4.11
N ALA B 219 4.09 -18.61 4.62
CA ALA B 219 4.03 -18.92 6.04
C ALA B 219 5.12 -19.90 6.46
N VAL B 220 5.41 -20.87 5.59
CA VAL B 220 6.49 -21.81 5.85
C VAL B 220 7.82 -21.08 6.01
N ILE B 221 7.97 -19.94 5.33
CA ILE B 221 9.20 -19.17 5.41
C ILE B 221 9.28 -18.43 6.74
N ASN B 222 8.14 -18.03 7.31
CA ASN B 222 8.12 -17.52 8.68
C ASN B 222 7.88 -18.60 9.73
N GLY B 223 7.64 -19.84 9.32
CA GLY B 223 7.73 -20.98 10.23
C GLY B 223 6.45 -21.69 10.58
N ASP B 224 5.31 -21.33 10.00
CA ASP B 224 4.08 -22.08 10.24
C ASP B 224 4.19 -23.45 9.57
N ARG B 225 4.02 -24.53 10.36
CA ARG B 225 4.21 -25.89 9.86
C ARG B 225 3.04 -26.82 10.12
N TRP B 226 2.01 -26.40 10.86
CA TRP B 226 1.00 -27.34 11.31
C TRP B 226 0.10 -27.82 10.18
N PHE B 227 0.00 -27.08 9.07
CA PHE B 227 -0.88 -27.47 7.98
C PHE B 227 -0.24 -28.45 7.01
N LEU B 228 1.08 -28.57 7.02
CA LEU B 228 1.75 -29.48 6.10
C LEU B 228 1.48 -30.93 6.49
N ASN B 229 1.48 -31.80 5.48
CA ASN B 229 1.24 -33.23 5.68
C ASN B 229 2.19 -34.04 4.82
N ARG B 230 2.23 -35.34 5.08
CA ARG B 230 3.02 -36.25 4.26
C ARG B 230 2.45 -36.40 2.85
N PHE B 231 1.16 -36.13 2.66
CA PHE B 231 0.52 -36.72 1.50
C PHE B 231 0.84 -35.89 0.26
N THR B 232 0.68 -36.51 -0.91
CA THR B 232 0.72 -35.78 -2.16
C THR B 232 -0.63 -35.93 -2.85
N THR B 233 -0.81 -35.18 -3.94
CA THR B 233 -2.09 -35.13 -4.62
C THR B 233 -1.85 -34.77 -6.07
N THR B 234 -2.68 -35.30 -6.96
CA THR B 234 -2.60 -34.91 -8.36
C THR B 234 -3.34 -33.59 -8.59
N LEU B 235 -3.13 -33.01 -9.77
CA LEU B 235 -3.78 -31.73 -10.07
C LEU B 235 -5.30 -31.87 -10.11
N ASN B 236 -5.80 -32.96 -10.68
CA ASN B 236 -7.24 -33.12 -10.81
C ASN B 236 -7.88 -33.43 -9.47
N ASP B 237 -7.20 -34.20 -8.62
CA ASP B 237 -7.73 -34.48 -7.29
C ASP B 237 -7.86 -33.22 -6.46
N PHE B 238 -6.96 -32.25 -6.65
CA PHE B 238 -7.11 -30.98 -5.96
C PHE B 238 -8.31 -30.20 -6.48
N ASN B 239 -8.41 -30.07 -7.80
CA ASN B 239 -9.48 -29.26 -8.37
C ASN B 239 -10.85 -29.80 -8.00
N LEU B 240 -10.98 -31.12 -7.84
CA LEU B 240 -12.24 -31.70 -7.40
C LEU B 240 -12.65 -31.15 -6.04
N VAL B 241 -11.69 -30.99 -5.13
CA VAL B 241 -11.97 -30.33 -3.86
C VAL B 241 -12.13 -28.83 -4.07
N ALA B 242 -11.51 -28.28 -5.13
CA ALA B 242 -11.53 -26.84 -5.32
C ALA B 242 -12.90 -26.31 -5.73
N MET B 243 -13.73 -27.11 -6.41
CA MET B 243 -15.08 -26.64 -6.70
C MET B 243 -15.81 -26.28 -5.42
N LYS B 244 -15.81 -27.21 -4.46
CA LYS B 244 -16.77 -27.20 -3.36
C LYS B 244 -16.61 -25.99 -2.44
N TYR B 245 -15.45 -25.33 -2.44
CA TYR B 245 -15.19 -24.26 -1.49
C TYR B 245 -14.91 -22.90 -2.17
N ASN B 246 -15.57 -22.63 -3.31
CA ASN B 246 -15.22 -21.57 -4.28
C ASN B 246 -13.73 -21.30 -4.36
N TYR B 247 -12.98 -22.25 -4.89
CA TYR B 247 -11.57 -22.02 -5.17
C TYR B 247 -11.37 -22.15 -6.67
N GLU B 248 -10.71 -21.18 -7.26
CA GLU B 248 -10.47 -21.25 -8.68
C GLU B 248 -9.66 -22.49 -9.04
N PRO B 249 -9.94 -23.11 -10.18
CA PRO B 249 -9.15 -24.27 -10.61
C PRO B 249 -7.68 -23.91 -10.66
N LEU B 250 -6.83 -24.87 -10.30
CA LEU B 250 -5.38 -24.69 -10.37
C LEU B 250 -4.90 -25.24 -11.70
N THR B 251 -4.48 -24.35 -12.59
CA THR B 251 -4.01 -24.76 -13.91
C THR B 251 -2.54 -25.16 -13.84
N GLN B 252 -2.10 -25.89 -14.87
CA GLN B 252 -0.69 -26.29 -14.95
C GLN B 252 0.23 -25.08 -14.98
N ASP B 253 -0.24 -23.96 -15.54
CA ASP B 253 0.57 -22.74 -15.53
C ASP B 253 0.80 -22.24 -14.11
N HIS B 254 -0.25 -22.28 -13.27
CA HIS B 254 -0.09 -21.91 -11.87
C HIS B 254 0.98 -22.74 -11.19
N VAL B 255 1.07 -24.02 -11.55
CA VAL B 255 2.06 -24.92 -10.97
C VAL B 255 3.48 -24.43 -11.27
N ASP B 256 3.73 -24.08 -12.54
CA ASP B 256 5.03 -23.57 -12.95
C ASP B 256 5.40 -22.31 -12.18
N ILE B 257 4.39 -21.49 -11.85
CA ILE B 257 4.64 -20.20 -11.22
C ILE B 257 5.03 -20.36 -9.76
N LEU B 258 4.48 -21.36 -9.08
CA LEU B 258 4.85 -21.61 -7.70
C LEU B 258 6.20 -22.31 -7.57
N GLY B 259 6.88 -22.57 -8.69
CA GLY B 259 8.12 -23.32 -8.71
C GLY B 259 9.23 -22.78 -7.84
N PRO B 260 9.54 -21.49 -7.97
CA PRO B 260 10.56 -20.88 -7.09
C PRO B 260 10.31 -21.13 -5.61
N LEU B 261 9.07 -20.98 -5.15
CA LEU B 261 8.76 -21.28 -3.76
C LEU B 261 8.91 -22.77 -3.47
N SER B 262 8.54 -23.62 -4.44
CA SER B 262 8.76 -25.05 -4.28
C SER B 262 10.24 -25.36 -4.08
N ALA B 263 11.09 -24.73 -4.88
CA ALA B 263 12.53 -25.00 -4.80
C ALA B 263 13.10 -24.57 -3.44
N GLN B 264 12.72 -23.39 -2.97
CA GLN B 264 13.30 -22.86 -1.74
C GLN B 264 12.84 -23.66 -0.53
N THR B 265 11.52 -23.85 -0.39
CA THR B 265 10.98 -24.50 0.79
C THR B 265 11.19 -26.01 0.78
N GLY B 266 11.51 -26.60 -0.37
CA GLY B 266 11.63 -28.03 -0.46
C GLY B 266 10.32 -28.79 -0.48
N ILE B 267 9.20 -28.08 -0.53
CA ILE B 267 7.87 -28.69 -0.56
C ILE B 267 7.37 -28.67 -2.00
N ALA B 268 7.05 -29.84 -2.53
CA ALA B 268 6.52 -29.91 -3.89
C ALA B 268 5.17 -29.21 -3.97
N VAL B 269 4.88 -28.66 -5.16
CA VAL B 269 3.61 -27.95 -5.35
C VAL B 269 2.44 -28.87 -5.04
N LEU B 270 2.52 -30.13 -5.47
CA LEU B 270 1.44 -31.07 -5.22
C LEU B 270 1.42 -31.55 -3.77
N ASP B 271 2.50 -31.32 -3.02
CA ASP B 271 2.47 -31.55 -1.59
C ASP B 271 1.69 -30.45 -0.86
N MET B 272 1.88 -29.19 -1.24
CA MET B 272 1.01 -28.13 -0.72
C MET B 272 -0.45 -28.37 -1.06
N CYS B 273 -0.73 -28.77 -2.31
CA CYS B 273 -2.11 -28.96 -2.70
C CYS B 273 -2.81 -29.95 -1.79
N ALA B 274 -2.10 -31.03 -1.41
CA ALA B 274 -2.66 -31.96 -0.44
C ALA B 274 -2.87 -31.29 0.91
N SER B 275 -1.91 -30.46 1.34
CA SER B 275 -2.06 -29.75 2.60
C SER B 275 -3.23 -28.77 2.56
N LEU B 276 -3.44 -28.13 1.41
CA LEU B 276 -4.59 -27.24 1.26
C LEU B 276 -5.88 -28.02 1.09
N LYS B 277 -5.84 -29.11 0.32
CA LYS B 277 -6.98 -30.01 0.18
C LYS B 277 -7.51 -30.46 1.54
N GLU B 278 -6.60 -30.73 2.48
CA GLU B 278 -7.01 -31.17 3.81
C GLU B 278 -7.59 -30.02 4.63
N LEU B 279 -7.07 -28.80 4.45
CA LEU B 279 -7.62 -27.65 5.17
C LEU B 279 -9.06 -27.35 4.73
N LEU B 280 -9.31 -27.38 3.42
CA LEU B 280 -10.66 -27.13 2.92
C LEU B 280 -11.63 -28.18 3.44
N GLN B 281 -11.19 -29.44 3.50
CA GLN B 281 -12.08 -30.54 3.86
C GLN B 281 -12.45 -30.54 5.34
N ASN B 282 -11.74 -29.80 6.19
CA ASN B 282 -12.09 -29.67 7.59
C ASN B 282 -12.69 -28.32 7.94
N GLY B 283 -12.27 -27.26 7.28
CA GLY B 283 -12.57 -25.92 7.75
C GLY B 283 -11.74 -25.52 8.94
N MET B 284 -10.47 -25.95 8.99
CA MET B 284 -9.57 -25.73 10.11
C MET B 284 -9.60 -24.27 10.53
N ASN B 285 -10.13 -23.99 11.71
CA ASN B 285 -10.39 -22.61 12.07
C ASN B 285 -9.93 -22.36 13.49
N GLY B 286 -9.74 -21.11 13.82
CA GLY B 286 -8.91 -20.81 14.92
C GLY B 286 -7.42 -20.90 14.63
N ARG B 287 -6.90 -21.91 13.90
CA ARG B 287 -5.45 -21.85 13.71
C ARG B 287 -5.12 -20.76 12.74
N THR B 288 -3.97 -20.19 12.99
CA THR B 288 -3.46 -19.04 12.30
C THR B 288 -2.32 -19.41 11.36
N ILE B 289 -2.32 -18.78 10.20
CA ILE B 289 -1.27 -18.85 9.19
C ILE B 289 -0.78 -17.43 9.05
N LEU B 290 0.49 -17.18 9.38
CA LEU B 290 1.06 -15.83 9.38
C LEU B 290 0.28 -14.90 10.30
N GLY B 291 -0.16 -15.42 11.45
CA GLY B 291 -0.85 -14.63 12.44
C GLY B 291 -2.33 -14.43 12.21
N SER B 292 -2.85 -14.78 11.04
CA SER B 292 -4.25 -14.61 10.72
C SER B 292 -4.95 -15.95 10.63
N ALA B 293 -6.22 -15.96 11.02
CA ALA B 293 -7.02 -17.19 11.04
C ALA B 293 -7.73 -17.46 9.72
N LEU B 294 -7.54 -16.60 8.73
CA LEU B 294 -8.14 -16.81 7.43
C LEU B 294 -7.07 -16.95 6.37
N LEU B 295 -7.49 -17.59 5.28
CA LEU B 295 -6.71 -17.71 4.07
C LEU B 295 -6.85 -16.44 3.23
N GLU B 296 -5.76 -15.69 3.16
CA GLU B 296 -5.54 -14.49 2.33
C GLU B 296 -4.95 -14.80 0.95
N ASP B 297 -5.56 -14.19 -0.10
CA ASP B 297 -5.37 -14.61 -1.48
C ASP B 297 -5.12 -13.45 -2.45
N GLU B 298 -4.57 -12.33 -1.96
CA GLU B 298 -4.24 -11.22 -2.85
C GLU B 298 -2.73 -10.96 -2.89
N PHE B 299 -1.92 -11.93 -2.47
CA PHE B 299 -0.53 -12.04 -2.88
C PHE B 299 -0.41 -13.03 -4.03
N THR B 300 0.08 -12.57 -5.17
CA THR B 300 0.50 -13.51 -6.19
C THR B 300 1.82 -14.14 -5.77
N PRO B 301 2.17 -15.30 -6.35
CA PRO B 301 3.47 -15.88 -6.04
C PRO B 301 4.64 -14.95 -6.32
N PHE B 302 4.50 -14.03 -7.29
CA PHE B 302 5.57 -13.08 -7.56
C PHE B 302 5.82 -12.17 -6.36
N ASP B 303 4.75 -11.69 -5.71
CA ASP B 303 4.92 -10.87 -4.52
C ASP B 303 5.74 -11.60 -3.46
N VAL B 304 5.44 -12.87 -3.22
CA VAL B 304 6.16 -13.65 -2.22
C VAL B 304 7.63 -13.78 -2.61
N VAL B 305 7.89 -14.16 -3.86
CA VAL B 305 9.27 -14.35 -4.32
C VAL B 305 10.06 -13.05 -4.21
N ARG B 306 9.48 -11.95 -4.71
CA ARG B 306 10.18 -10.67 -4.66
C ARG B 306 10.41 -10.23 -3.22
N GLN B 307 9.43 -10.44 -2.35
CA GLN B 307 9.55 -10.01 -0.97
C GLN B 307 10.22 -11.04 -0.07
N CYS B 308 10.28 -12.30 -0.49
CA CYS B 308 11.09 -13.26 0.27
C CYS B 308 12.56 -12.91 0.11
N SER B 309 13.25 -12.89 1.25
CA SER B 309 14.68 -12.71 1.27
C SER B 309 15.43 -13.90 0.66
N GLY B 310 14.79 -15.06 0.59
CA GLY B 310 15.20 -16.09 -0.36
C GLY B 310 16.32 -17.00 0.08
N VAL B 311 17.10 -17.44 -0.93
CA VAL B 311 18.22 -18.39 -0.86
C VAL B 311 17.69 -19.82 -0.89
N THR B 312 18.05 -20.55 -1.95
CA THR B 312 17.74 -21.96 -2.13
C THR B 312 19.02 -22.77 -2.07
N PHE B 313 18.93 -23.97 -1.53
CA PHE B 313 20.06 -24.88 -1.40
C PHE B 313 19.81 -26.09 -2.28
N GLN B 314 20.52 -26.14 -3.40
CA GLN B 314 20.16 -27.02 -4.50
C GLN B 314 20.87 -28.37 -4.46
N SER C 4 21.43 -11.71 16.04
CA SER C 4 22.32 -11.06 15.08
C SER C 4 21.54 -10.22 14.07
N ALA C 5 21.37 -8.93 14.38
CA ALA C 5 20.65 -8.03 13.49
C ALA C 5 21.35 -7.95 12.13
N VAL C 6 20.57 -7.60 11.12
CA VAL C 6 21.06 -7.52 9.74
C VAL C 6 20.99 -6.07 9.29
N LEU C 7 22.12 -5.53 8.86
CA LEU C 7 22.19 -4.17 8.32
C LEU C 7 21.86 -4.24 6.83
N GLN C 8 20.72 -3.66 6.45
CA GLN C 8 20.18 -3.85 5.11
C GLN C 8 20.55 -2.73 4.14
#